data_1H8N
#
_entry.id   1H8N
#
_cell.length_a   61.136
_cell.length_b   61.136
_cell.length_c   135.646
_cell.angle_alpha   90.00
_cell.angle_beta   90.00
_cell.angle_gamma   90.00
#
_symmetry.space_group_name_H-M   'P 41 21 2'
#
loop_
_entity.id
_entity.type
_entity.pdbx_description
1 polymer 'MUTANT AL2 6E7S9G'
2 non-polymer GLYCEROL
3 non-polymer 'SULFATE ION'
4 water water
#
_entity_poly.entity_id   1
_entity_poly.type   'polypeptide(L)'
_entity_poly.pdbx_seq_one_letter_code
;DYKDIVLTQSHKFMSTSVGDRVSITCKASQDVGTAVAWYQQKPGQSPKLLIYWASTRHTGVPDRFTGSGSGTDFTLTISN
VQSEDLADYFCQQYSSYPLTFGAGTKLELKRGGGGSGGGGSGGGGSGGGGSQVQLQESGGELVRPGASVKLSCKASGYTF
TSYWINWVKQRPGQGLEWIGNIYPSDSYTNYNQKFKDKATLTVDKSSSTAYMQLSSLTSEDSAVYFCARWGYWGQGTLVT
VSAASGAHHHHH
;
_entity_poly.pdbx_strand_id   A
#
loop_
_chem_comp.id
_chem_comp.type
_chem_comp.name
_chem_comp.formula
GOL non-polymer GLYCEROL 'C3 H8 O3'
SO4 non-polymer 'SULFATE ION' 'O4 S -2'
#
# COMPACT_ATOMS: atom_id res chain seq x y z
N LYS A 3 20.67 3.02 -4.24
CA LYS A 3 19.69 2.32 -5.11
C LYS A 3 18.46 1.91 -4.31
N ASP A 4 17.29 2.08 -4.90
CA ASP A 4 16.03 1.69 -4.27
C ASP A 4 16.02 0.19 -3.99
N ILE A 5 15.37 -0.20 -2.90
CA ILE A 5 15.30 -1.62 -2.55
C ILE A 5 14.20 -2.33 -3.37
N VAL A 6 14.59 -3.37 -4.09
CA VAL A 6 13.67 -4.14 -4.92
C VAL A 6 13.20 -5.41 -4.25
N LEU A 7 11.89 -5.59 -4.16
CA LEU A 7 11.37 -6.80 -3.54
C LEU A 7 10.87 -7.70 -4.66
N THR A 8 11.34 -8.93 -4.67
CA THR A 8 10.94 -9.90 -5.67
C THR A 8 10.13 -11.03 -5.12
N GLN A 9 8.88 -11.12 -5.59
CA GLN A 9 8.01 -12.22 -5.25
C GLN A 9 8.00 -13.08 -6.51
N SER A 10 8.75 -14.15 -6.49
CA SER A 10 8.78 -15.09 -7.64
C SER A 10 7.69 -16.07 -7.88
N HIS A 11 6.50 -15.54 -8.16
CA HIS A 11 5.32 -16.27 -8.56
C HIS A 11 4.26 -15.20 -8.64
N LYS A 12 3.94 -14.85 -9.87
CA LYS A 12 2.90 -13.86 -10.13
C LYS A 12 1.60 -14.56 -9.88
N PHE A 13 1.61 -15.87 -10.09
CA PHE A 13 0.40 -16.69 -9.86
C PHE A 13 0.77 -17.96 -9.15
N MET A 14 -0.13 -18.41 -8.27
CA MET A 14 0.07 -19.65 -7.54
C MET A 14 -1.26 -20.36 -7.49
N SER A 15 -1.26 -21.67 -7.76
CA SER A 15 -2.50 -22.43 -7.73
C SER A 15 -2.54 -23.27 -6.46
N THR A 16 -3.73 -23.42 -5.89
CA THR A 16 -3.85 -24.19 -4.66
C THR A 16 -5.26 -24.76 -4.54
N SER A 17 -5.50 -25.51 -3.47
CA SER A 17 -6.83 -26.05 -3.31
C SER A 17 -7.27 -25.77 -1.89
N VAL A 18 -8.57 -25.68 -1.67
CA VAL A 18 -9.05 -25.42 -0.33
C VAL A 18 -8.46 -26.51 0.56
N GLY A 19 -7.94 -26.13 1.73
CA GLY A 19 -7.37 -27.12 2.64
C GLY A 19 -5.85 -27.22 2.65
N ASP A 20 -5.25 -26.87 1.53
CA ASP A 20 -3.82 -26.89 1.33
C ASP A 20 -3.04 -25.85 2.13
N ARG A 21 -1.72 -25.96 2.08
CA ARG A 21 -0.81 -25.03 2.76
C ARG A 21 -0.12 -24.32 1.60
N VAL A 22 0.07 -23.01 1.75
CA VAL A 22 0.67 -22.24 0.68
C VAL A 22 1.72 -21.31 1.26
N SER A 23 2.82 -21.17 0.56
CA SER A 23 3.87 -20.28 1.00
C SER A 23 4.32 -19.35 -0.11
N ILE A 24 4.27 -18.06 0.14
CA ILE A 24 4.76 -17.18 -0.90
C ILE A 24 5.95 -16.42 -0.33
N THR A 25 6.98 -16.30 -1.14
CA THR A 25 8.20 -15.67 -0.69
C THR A 25 8.44 -14.33 -1.31
N CYS A 26 9.35 -13.60 -0.67
CA CYS A 26 9.69 -12.26 -1.10
C CYS A 26 11.17 -12.06 -0.77
N LYS A 27 11.97 -11.76 -1.77
CA LYS A 27 13.38 -11.52 -1.50
C LYS A 27 13.71 -10.08 -1.78
N ALA A 28 14.35 -9.43 -0.80
CA ALA A 28 14.78 -8.04 -0.87
C ALA A 28 16.18 -7.94 -1.43
N SER A 29 16.44 -6.93 -2.25
CA SER A 29 17.76 -6.78 -2.88
C SER A 29 18.78 -6.29 -1.89
N GLN A 30 18.31 -5.93 -0.70
CA GLN A 30 19.16 -5.36 0.35
C GLN A 30 18.60 -5.77 1.73
N ASP A 31 19.48 -5.83 2.73
CA ASP A 31 19.07 -6.20 4.08
C ASP A 31 18.05 -5.22 4.64
N VAL A 32 16.88 -5.71 5.02
CA VAL A 32 15.87 -4.81 5.58
C VAL A 32 15.51 -5.15 7.01
N GLY A 33 16.38 -5.91 7.68
CA GLY A 33 16.12 -6.30 9.08
C GLY A 33 14.85 -7.14 9.07
N THR A 34 13.83 -6.73 9.81
CA THR A 34 12.54 -7.44 9.74
C THR A 34 11.44 -6.41 9.45
N ALA A 35 11.81 -5.30 8.80
CA ALA A 35 10.90 -4.22 8.48
C ALA A 35 10.11 -4.56 7.21
N VAL A 36 9.29 -5.59 7.30
CA VAL A 36 8.50 -6.09 6.18
C VAL A 36 7.08 -6.30 6.59
N ALA A 37 6.17 -5.94 5.71
CA ALA A 37 4.75 -6.16 5.96
C ALA A 37 4.18 -6.98 4.80
N TRP A 38 3.08 -7.65 5.06
CA TRP A 38 2.38 -8.43 4.02
C TRP A 38 0.93 -7.95 4.00
N TYR A 39 0.40 -7.80 2.79
CA TYR A 39 -0.96 -7.34 2.54
C TYR A 39 -1.72 -8.29 1.65
N GLN A 40 -3.03 -8.32 1.83
CA GLN A 40 -3.94 -9.11 1.00
C GLN A 40 -4.79 -8.08 0.27
N GLN A 41 -5.06 -8.29 -1.01
CA GLN A 41 -5.94 -7.36 -1.74
C GLN A 41 -6.84 -8.13 -2.73
N LYS A 42 -8.13 -7.87 -2.67
CA LYS A 42 -9.11 -8.51 -3.55
C LYS A 42 -9.58 -7.50 -4.57
N PRO A 43 -10.07 -7.97 -5.73
CA PRO A 43 -10.55 -7.06 -6.77
C PRO A 43 -11.48 -5.96 -6.29
N GLY A 44 -11.18 -4.73 -6.69
CA GLY A 44 -12.01 -3.60 -6.31
C GLY A 44 -11.95 -3.19 -4.85
N GLN A 45 -11.01 -3.76 -4.10
CA GLN A 45 -10.90 -3.40 -2.69
C GLN A 45 -9.50 -2.92 -2.37
N SER A 46 -9.35 -2.34 -1.19
CA SER A 46 -8.05 -1.83 -0.79
C SER A 46 -7.22 -2.91 -0.13
N PRO A 47 -5.89 -2.75 -0.12
CA PRO A 47 -5.04 -3.76 0.51
C PRO A 47 -5.39 -3.82 2.01
N LYS A 48 -5.27 -5.00 2.60
CA LYS A 48 -5.52 -5.19 4.05
C LYS A 48 -4.22 -5.73 4.67
N LEU A 49 -3.80 -5.12 5.76
CA LEU A 49 -2.57 -5.55 6.44
C LEU A 49 -2.73 -6.91 7.12
N LEU A 50 -1.79 -7.82 6.87
CA LEU A 50 -1.83 -9.16 7.47
C LEU A 50 -0.76 -9.37 8.52
N ILE A 51 0.47 -9.03 8.14
CA ILE A 51 1.64 -9.25 8.96
C ILE A 51 2.55 -8.06 8.94
N TYR A 52 3.19 -7.76 10.06
CA TYR A 52 4.16 -6.65 10.06
C TYR A 52 5.36 -7.06 10.92
N TRP A 53 6.46 -6.33 10.80
CA TRP A 53 7.71 -6.70 11.45
C TRP A 53 8.00 -8.17 11.08
N ALA A 54 7.67 -8.53 9.84
CA ALA A 54 7.91 -9.87 9.27
C ALA A 54 7.08 -11.02 9.82
N SER A 55 6.82 -11.04 11.12
CA SER A 55 6.12 -12.16 11.71
C SER A 55 5.04 -11.82 12.70
N THR A 56 4.72 -10.55 12.87
CA THR A 56 3.65 -10.20 13.79
C THR A 56 2.30 -10.05 13.07
N ARG A 57 1.31 -10.82 13.53
CA ARG A 57 -0.01 -10.83 12.91
C ARG A 57 -0.77 -9.59 13.34
N HIS A 58 -1.46 -8.94 12.40
CA HIS A 58 -2.24 -7.74 12.70
C HIS A 58 -3.57 -8.08 13.39
N THR A 59 -4.13 -7.09 14.06
CA THR A 59 -5.39 -7.25 14.76
C THR A 59 -6.49 -7.81 13.88
N GLY A 60 -7.04 -8.94 14.32
CA GLY A 60 -8.13 -9.54 13.59
C GLY A 60 -7.82 -10.47 12.43
N VAL A 61 -6.54 -10.76 12.18
CA VAL A 61 -6.19 -11.65 11.08
C VAL A 61 -6.16 -13.10 11.59
N PRO A 62 -6.89 -14.03 10.93
CA PRO A 62 -6.87 -15.41 11.42
C PRO A 62 -5.49 -16.06 11.55
N ASP A 63 -5.39 -16.94 12.54
CA ASP A 63 -4.17 -17.66 12.87
C ASP A 63 -3.62 -18.49 11.74
N ARG A 64 -4.39 -18.59 10.66
CA ARG A 64 -4.03 -19.32 9.44
C ARG A 64 -2.83 -18.67 8.75
N PHE A 65 -2.67 -17.37 8.98
CA PHE A 65 -1.60 -16.59 8.39
C PHE A 65 -0.38 -16.45 9.29
N THR A 66 0.77 -16.85 8.80
CA THR A 66 2.01 -16.66 9.56
C THR A 66 3.06 -16.10 8.64
N GLY A 67 3.97 -15.33 9.22
CA GLY A 67 5.03 -14.76 8.42
C GLY A 67 6.34 -15.08 9.09
N SER A 68 7.40 -15.12 8.30
CA SER A 68 8.70 -15.41 8.87
C SER A 68 9.80 -14.80 8.01
N GLY A 69 11.01 -14.82 8.55
CA GLY A 69 12.16 -14.31 7.84
C GLY A 69 12.80 -13.08 8.42
N SER A 70 14.01 -12.80 7.96
CA SER A 70 14.75 -11.63 8.40
C SER A 70 15.89 -11.43 7.43
N GLY A 71 16.39 -10.21 7.32
CA GLY A 71 17.47 -9.98 6.37
C GLY A 71 16.95 -9.72 4.95
N THR A 72 17.10 -10.69 4.04
CA THR A 72 16.66 -10.53 2.66
C THR A 72 15.55 -11.49 2.23
N ASP A 73 15.31 -12.54 3.02
CA ASP A 73 14.31 -13.52 2.65
C ASP A 73 13.14 -13.63 3.59
N PHE A 74 11.95 -13.39 3.04
CA PHE A 74 10.73 -13.41 3.82
C PHE A 74 9.68 -14.35 3.21
N THR A 75 8.85 -14.92 4.07
CA THR A 75 7.79 -15.85 3.68
C THR A 75 6.45 -15.64 4.35
N LEU A 76 5.37 -15.70 3.55
CA LEU A 76 4.02 -15.59 4.08
C LEU A 76 3.45 -17.00 3.92
N THR A 77 2.97 -17.59 4.99
CA THR A 77 2.38 -18.92 4.83
C THR A 77 0.94 -18.92 5.32
N ILE A 78 0.08 -19.57 4.54
CA ILE A 78 -1.33 -19.70 4.87
C ILE A 78 -1.48 -21.22 5.09
N SER A 79 -1.82 -21.64 6.29
CA SER A 79 -1.85 -23.09 6.57
C SER A 79 -2.97 -23.98 6.06
N ASN A 80 -4.20 -23.50 6.15
CA ASN A 80 -5.37 -24.29 5.72
C ASN A 80 -6.24 -23.38 4.84
N VAL A 81 -5.80 -23.18 3.59
CA VAL A 81 -6.48 -22.29 2.64
C VAL A 81 -7.99 -22.37 2.59
N GLN A 82 -8.63 -21.19 2.62
CA GLN A 82 -10.06 -21.12 2.54
C GLN A 82 -10.41 -20.34 1.27
N SER A 83 -11.67 -20.43 0.88
CA SER A 83 -12.15 -19.74 -0.30
C SER A 83 -11.84 -18.26 -0.20
N GLU A 84 -12.11 -17.68 0.96
CA GLU A 84 -11.90 -16.27 1.19
C GLU A 84 -10.46 -15.78 1.16
N ASP A 85 -9.52 -16.71 0.99
CA ASP A 85 -8.09 -16.39 0.95
C ASP A 85 -7.63 -16.22 -0.50
N LEU A 86 -8.51 -16.53 -1.44
CA LEU A 86 -8.13 -16.37 -2.84
C LEU A 86 -8.06 -14.86 -3.07
N ALA A 87 -6.86 -14.35 -3.36
CA ALA A 87 -6.66 -12.90 -3.50
C ALA A 87 -5.22 -12.64 -3.93
N ASP A 88 -4.86 -11.37 -4.07
CA ASP A 88 -3.49 -11.02 -4.41
C ASP A 88 -2.78 -10.74 -3.09
N TYR A 89 -1.50 -11.07 -3.02
CA TYR A 89 -0.70 -10.85 -1.78
C TYR A 89 0.56 -10.06 -2.17
N PHE A 90 0.91 -9.07 -1.35
CA PHE A 90 2.05 -8.20 -1.63
C PHE A 90 2.91 -8.04 -0.37
N CYS A 91 4.23 -8.01 -0.55
CA CYS A 91 5.14 -7.73 0.57
C CYS A 91 5.56 -6.26 0.38
N GLN A 92 6.03 -5.65 1.48
CA GLN A 92 6.42 -4.25 1.43
C GLN A 92 7.51 -4.08 2.48
N GLN A 93 8.47 -3.23 2.21
CA GLN A 93 9.56 -2.99 3.16
C GLN A 93 9.45 -1.56 3.65
N TYR A 94 9.78 -1.35 4.92
CA TYR A 94 9.70 0.01 5.41
C TYR A 94 10.98 0.31 6.21
N SER A 95 12.08 -0.26 5.74
CA SER A 95 13.39 -0.05 6.33
C SER A 95 13.89 1.34 5.94
N SER A 96 13.75 1.68 4.67
CA SER A 96 14.21 2.99 4.21
C SER A 96 13.48 3.47 2.96
N TYR A 97 13.56 4.77 2.70
CA TYR A 97 12.88 5.37 1.56
C TYR A 97 13.64 5.15 0.26
N PRO A 98 12.91 5.02 -0.84
CA PRO A 98 11.45 5.06 -0.89
C PRO A 98 10.91 3.70 -0.41
N LEU A 99 9.74 3.70 0.23
CA LEU A 99 9.11 2.45 0.67
C LEU A 99 8.83 1.75 -0.65
N THR A 100 8.95 0.42 -0.68
CA THR A 100 8.73 -0.34 -1.92
C THR A 100 7.95 -1.60 -1.68
N PHE A 101 7.29 -2.09 -2.73
CA PHE A 101 6.46 -3.28 -2.62
C PHE A 101 6.87 -4.36 -3.61
N GLY A 102 6.56 -5.61 -3.30
CA GLY A 102 6.82 -6.66 -4.27
C GLY A 102 5.77 -6.50 -5.36
N ALA A 103 5.91 -7.23 -6.48
CA ALA A 103 4.96 -7.08 -7.57
C ALA A 103 3.63 -7.82 -7.40
N GLY A 104 3.53 -8.62 -6.36
CA GLY A 104 2.29 -9.30 -6.10
C GLY A 104 2.19 -10.74 -6.58
N THR A 105 1.47 -11.54 -5.81
CA THR A 105 1.25 -12.94 -6.15
C THR A 105 -0.25 -13.18 -6.07
N LYS A 106 -0.84 -13.66 -7.16
CA LYS A 106 -2.25 -13.96 -7.20
C LYS A 106 -2.50 -15.43 -6.82
N LEU A 107 -3.19 -15.65 -5.70
CA LEU A 107 -3.48 -17.01 -5.21
C LEU A 107 -4.82 -17.48 -5.74
N GLU A 108 -4.77 -18.48 -6.62
CA GLU A 108 -5.98 -19.01 -7.21
C GLU A 108 -6.10 -20.53 -7.04
N LEU A 109 -6.89 -21.10 -7.78
N GLN A 132 -11.96 1.20 14.78
CA GLN A 132 -12.81 2.28 14.20
C GLN A 132 -12.02 3.25 13.33
N VAL A 133 -10.76 2.92 13.04
CA VAL A 133 -9.97 3.80 12.19
C VAL A 133 -10.60 3.82 10.80
N GLN A 134 -10.68 5.01 10.20
CA GLN A 134 -11.25 5.10 8.86
C GLN A 134 -10.59 6.23 8.05
N LEU A 135 -10.36 5.98 6.78
CA LEU A 135 -9.75 6.97 5.89
C LEU A 135 -10.68 6.93 4.71
N GLN A 136 -11.33 8.05 4.43
CA GLN A 136 -12.29 8.11 3.34
C GLN A 136 -11.73 9.00 2.24
N GLU A 137 -11.44 8.43 1.08
CA GLU A 137 -10.88 9.26 0.01
C GLU A 137 -11.92 9.82 -0.94
N SER A 138 -11.59 10.94 -1.57
CA SER A 138 -12.51 11.53 -2.56
C SER A 138 -11.67 12.38 -3.51
N GLY A 139 -12.27 12.84 -4.60
CA GLY A 139 -11.52 13.67 -5.53
C GLY A 139 -11.27 13.04 -6.89
N GLY A 140 -11.21 11.72 -6.94
CA GLY A 140 -10.98 11.07 -8.22
C GLY A 140 -12.08 11.23 -9.24
N GLU A 141 -11.70 11.62 -10.45
CA GLU A 141 -12.66 11.81 -11.53
C GLU A 141 -11.90 11.88 -12.83
N LEU A 142 -12.61 12.29 -13.88
CA LEU A 142 -12.04 12.47 -15.20
C LEU A 142 -11.36 13.82 -15.16
N VAL A 143 -10.15 13.89 -15.66
CA VAL A 143 -9.40 15.14 -15.66
C VAL A 143 -8.72 15.26 -17.00
N ARG A 144 -8.62 16.47 -17.53
CA ARG A 144 -8.02 16.70 -18.83
C ARG A 144 -6.51 16.55 -18.79
N PRO A 145 -5.91 15.90 -19.80
CA PRO A 145 -4.45 15.77 -19.78
C PRO A 145 -3.77 17.14 -19.60
N GLY A 146 -2.70 17.20 -18.78
CA GLY A 146 -1.99 18.44 -18.60
C GLY A 146 -2.44 19.27 -17.42
N ALA A 147 -3.68 19.07 -16.99
CA ALA A 147 -4.22 19.81 -15.86
C ALA A 147 -3.81 19.14 -14.55
N SER A 148 -4.42 19.60 -13.47
CA SER A 148 -4.12 19.09 -12.12
C SER A 148 -5.32 18.47 -11.43
N VAL A 149 -5.10 17.72 -10.35
CA VAL A 149 -6.24 17.17 -9.64
C VAL A 149 -5.88 17.20 -8.14
N LYS A 150 -6.90 17.32 -7.29
CA LYS A 150 -6.65 17.34 -5.84
C LYS A 150 -7.44 16.20 -5.21
N LEU A 151 -6.73 15.32 -4.51
CA LEU A 151 -7.34 14.18 -3.87
C LEU A 151 -7.39 14.47 -2.37
N SER A 152 -8.43 14.01 -1.71
CA SER A 152 -8.55 14.26 -0.28
C SER A 152 -8.73 12.94 0.45
N CYS A 153 -8.40 12.94 1.73
CA CYS A 153 -8.47 11.71 2.55
C CYS A 153 -8.85 12.17 3.94
N LYS A 154 -10.12 11.96 4.27
CA LYS A 154 -10.70 12.35 5.55
C LYS A 154 -10.41 11.23 6.55
N ALA A 155 -9.64 11.56 7.59
CA ALA A 155 -9.29 10.58 8.62
C ALA A 155 -10.23 10.66 9.80
N SER A 156 -10.55 9.52 10.41
CA SER A 156 -11.41 9.55 11.59
C SER A 156 -11.20 8.33 12.45
N GLY A 157 -11.55 8.46 13.73
CA GLY A 157 -11.43 7.34 14.64
C GLY A 157 -10.12 7.15 15.34
N TYR A 158 -9.26 8.17 15.30
CA TYR A 158 -7.93 8.11 15.94
C TYR A 158 -7.35 9.52 15.92
N THR A 159 -6.22 9.76 16.60
CA THR A 159 -5.64 11.10 16.63
C THR A 159 -4.87 11.43 15.33
N PHE A 160 -5.51 12.19 14.46
CA PHE A 160 -4.93 12.55 13.17
C PHE A 160 -3.46 13.01 13.18
N THR A 161 -3.07 13.85 14.14
CA THR A 161 -1.69 14.35 14.15
C THR A 161 -0.62 13.39 14.64
N SER A 162 -1.00 12.21 15.10
CA SER A 162 0.01 11.27 15.59
C SER A 162 0.48 10.18 14.60
N TYR A 163 -0.03 10.16 13.37
CA TYR A 163 0.40 9.09 12.47
C TYR A 163 0.74 9.63 11.09
N TRP A 164 1.81 9.09 10.52
CA TRP A 164 2.21 9.46 9.16
C TRP A 164 1.12 9.00 8.19
N ILE A 165 0.86 9.80 7.16
CA ILE A 165 -0.14 9.44 6.17
C ILE A 165 0.70 9.20 4.93
N ASN A 166 0.44 8.08 4.28
CA ASN A 166 1.18 7.73 3.08
C ASN A 166 0.23 7.72 1.89
N TRP A 167 0.76 8.00 0.69
CA TRP A 167 -0.05 7.92 -0.49
C TRP A 167 0.61 6.89 -1.41
N VAL A 168 -0.25 6.07 -2.04
CA VAL A 168 0.20 4.99 -2.91
C VAL A 168 -0.62 4.99 -4.19
N LYS A 169 0.07 4.68 -5.28
CA LYS A 169 -0.55 4.63 -6.62
C LYS A 169 -0.67 3.20 -7.07
N GLN A 170 -1.83 2.87 -7.65
CA GLN A 170 -2.00 1.54 -8.17
C GLN A 170 -2.69 1.64 -9.57
N ARG A 171 -1.93 1.41 -10.63
CA ARG A 171 -2.53 1.49 -11.97
C ARG A 171 -3.38 0.24 -12.15
N PRO A 172 -4.56 0.36 -12.77
CA PRO A 172 -5.41 -0.83 -12.96
C PRO A 172 -4.67 -2.08 -13.37
N GLY A 173 -4.90 -3.16 -12.64
CA GLY A 173 -4.26 -4.43 -12.96
C GLY A 173 -2.78 -4.48 -12.64
N GLN A 174 -2.25 -3.42 -12.03
CA GLN A 174 -0.83 -3.42 -11.70
C GLN A 174 -0.51 -3.44 -10.19
N GLY A 175 0.77 -3.18 -9.88
CA GLY A 175 1.21 -3.23 -8.50
C GLY A 175 1.12 -1.91 -7.78
N LEU A 176 1.74 -1.85 -6.59
CA LEU A 176 1.71 -0.65 -5.74
C LEU A 176 3.00 0.14 -5.78
N GLU A 177 2.89 1.46 -5.90
CA GLU A 177 4.04 2.34 -5.93
C GLU A 177 3.83 3.43 -4.84
N TRP A 178 4.80 3.59 -3.92
CA TRP A 178 4.68 4.58 -2.86
C TRP A 178 4.99 5.99 -3.39
N ILE A 179 4.11 6.94 -3.15
CA ILE A 179 4.36 8.31 -3.66
C ILE A 179 5.14 9.14 -2.65
N GLY A 180 4.73 9.04 -1.39
CA GLY A 180 5.40 9.81 -0.36
C GLY A 180 4.56 9.87 0.88
N ASN A 181 4.99 10.62 1.90
CA ASN A 181 4.19 10.69 3.12
C ASN A 181 4.27 12.04 3.81
N ILE A 182 3.46 12.22 4.84
CA ILE A 182 3.43 13.50 5.51
C ILE A 182 3.07 13.29 6.94
N TYR A 183 3.70 14.06 7.84
CA TYR A 183 3.36 13.89 9.27
C TYR A 183 2.43 15.06 9.52
N PRO A 184 1.15 14.78 9.86
CA PRO A 184 0.24 15.91 10.06
C PRO A 184 0.53 16.99 11.08
N SER A 185 1.20 16.66 12.16
CA SER A 185 1.45 17.69 13.19
C SER A 185 2.17 18.90 12.59
N ASP A 186 3.25 18.66 11.85
CA ASP A 186 4.04 19.76 11.32
C ASP A 186 4.20 19.76 9.80
N SER A 187 3.49 18.85 9.15
CA SER A 187 3.55 18.75 7.68
C SER A 187 4.91 18.41 7.12
N TYR A 188 5.73 17.67 7.87
CA TYR A 188 7.02 17.25 7.33
C TYR A 188 6.64 16.24 6.21
N THR A 189 7.34 16.29 5.07
CA THR A 189 7.06 15.37 3.95
C THR A 189 8.27 14.65 3.41
N ASN A 190 8.04 13.46 2.85
CA ASN A 190 9.07 12.68 2.18
C ASN A 190 8.46 12.28 0.85
N TYR A 191 9.25 12.37 -0.21
CA TYR A 191 8.70 11.99 -1.52
C TYR A 191 9.56 10.94 -2.20
N ASN A 192 8.92 10.07 -2.98
CA ASN A 192 9.62 9.10 -3.79
C ASN A 192 10.20 10.06 -4.86
N GLN A 193 11.50 9.95 -5.15
CA GLN A 193 12.13 10.81 -6.14
C GLN A 193 11.34 10.81 -7.42
N LYS A 194 10.78 9.67 -7.79
CA LYS A 194 10.03 9.62 -9.04
C LYS A 194 8.83 10.60 -9.02
N PHE A 195 8.38 11.02 -7.84
CA PHE A 195 7.23 11.95 -7.75
C PHE A 195 7.56 13.31 -7.14
N LYS A 196 8.84 13.58 -6.88
CA LYS A 196 9.31 14.82 -6.24
C LYS A 196 8.66 16.17 -6.62
N ASP A 197 8.22 16.32 -7.87
CA ASP A 197 7.60 17.58 -8.27
C ASP A 197 6.20 17.39 -8.87
N LYS A 198 5.91 16.16 -9.27
CA LYS A 198 4.61 15.77 -9.82
C LYS A 198 3.51 15.89 -8.76
N ALA A 199 3.87 15.65 -7.50
CA ALA A 199 2.88 15.69 -6.43
C ALA A 199 3.29 16.53 -5.26
N THR A 200 2.28 17.07 -4.55
CA THR A 200 2.54 17.83 -3.33
C THR A 200 1.56 17.33 -2.27
N LEU A 201 2.06 17.10 -1.06
CA LEU A 201 1.22 16.63 0.06
C LEU A 201 1.03 17.73 1.09
N THR A 202 -0.21 17.87 1.57
CA THR A 202 -0.55 18.85 2.61
C THR A 202 -1.66 18.28 3.50
N VAL A 203 -1.95 18.95 4.61
CA VAL A 203 -3.02 18.54 5.49
C VAL A 203 -3.81 19.75 5.97
N ASP A 204 -5.00 19.50 6.49
CA ASP A 204 -5.83 20.55 7.11
C ASP A 204 -6.16 19.90 8.47
N LYS A 205 -5.38 20.29 9.49
CA LYS A 205 -5.56 19.75 10.84
C LYS A 205 -6.97 19.91 11.37
N SER A 206 -7.57 21.06 11.10
CA SER A 206 -8.92 21.35 11.58
C SER A 206 -9.97 20.33 11.13
N SER A 207 -9.89 19.85 9.90
CA SER A 207 -10.87 18.87 9.42
C SER A 207 -10.32 17.45 9.33
N SER A 208 -9.14 17.26 9.89
CA SER A 208 -8.50 15.95 9.88
C SER A 208 -8.44 15.38 8.48
N THR A 209 -8.05 16.19 7.50
CA THR A 209 -7.94 15.63 6.15
C THR A 209 -6.58 15.92 5.53
N ALA A 210 -6.04 14.90 4.88
CA ALA A 210 -4.77 14.99 4.19
C ALA A 210 -5.14 15.15 2.72
N TYR A 211 -4.32 15.89 1.97
CA TYR A 211 -4.58 16.09 0.51
C TYR A 211 -3.34 15.80 -0.30
N MET A 212 -3.57 15.45 -1.57
CA MET A 212 -2.49 15.23 -2.50
C MET A 212 -2.93 15.85 -3.81
N GLN A 213 -2.11 16.72 -4.37
CA GLN A 213 -2.42 17.34 -5.67
C GLN A 213 -1.35 16.84 -6.63
N LEU A 214 -1.75 16.54 -7.88
CA LEU A 214 -0.85 16.04 -8.94
C LEU A 214 -1.00 17.03 -10.06
N SER A 215 0.09 17.38 -10.72
CA SER A 215 0.04 18.35 -11.84
C SER A 215 0.48 17.70 -13.16
N SER A 216 0.38 18.45 -14.26
CA SER A 216 0.82 17.98 -15.59
C SER A 216 0.37 16.58 -15.93
N LEU A 217 -0.89 16.26 -15.63
CA LEU A 217 -1.39 14.89 -15.83
C LEU A 217 -1.24 14.29 -17.21
N THR A 218 -0.94 13.00 -17.27
CA THR A 218 -0.85 12.27 -18.53
C THR A 218 -1.54 10.93 -18.24
N SER A 219 -1.72 10.11 -19.26
CA SER A 219 -2.39 8.82 -19.06
C SER A 219 -1.61 7.91 -18.13
N GLU A 220 -0.30 8.13 -17.99
CA GLU A 220 0.49 7.31 -17.06
C GLU A 220 0.08 7.59 -15.60
N ASP A 221 -0.70 8.67 -15.39
CA ASP A 221 -1.18 9.03 -14.06
C ASP A 221 -2.57 8.45 -13.75
N SER A 222 -3.24 7.88 -14.76
CA SER A 222 -4.55 7.30 -14.51
C SER A 222 -4.34 6.10 -13.56
N ALA A 223 -5.05 6.05 -12.46
CA ALA A 223 -4.84 4.93 -11.52
C ALA A 223 -5.70 5.16 -10.31
N VAL A 224 -5.71 4.18 -9.41
CA VAL A 224 -6.39 4.31 -8.15
C VAL A 224 -5.32 4.84 -7.19
N TYR A 225 -5.67 5.82 -6.37
CA TYR A 225 -4.73 6.40 -5.41
C TYR A 225 -5.30 6.14 -4.00
N PHE A 226 -4.47 5.61 -3.11
CA PHE A 226 -4.88 5.31 -1.74
C PHE A 226 -4.10 6.18 -0.77
N CYS A 227 -4.73 6.52 0.35
CA CYS A 227 -3.98 7.16 1.46
C CYS A 227 -4.00 6.03 2.52
N ALA A 228 -2.99 6.01 3.35
CA ALA A 228 -2.88 4.94 4.31
C ALA A 228 -2.08 5.33 5.49
N ARG A 229 -2.48 4.83 6.65
CA ARG A 229 -1.66 5.07 7.84
C ARG A 229 -1.35 3.66 8.34
N TRP A 230 -0.35 3.54 9.20
CA TRP A 230 0.03 2.24 9.83
C TRP A 230 -1.20 1.42 10.13
N GLY A 231 -1.31 0.27 9.48
CA GLY A 231 -2.47 -0.55 9.74
C GLY A 231 -3.77 -0.36 8.98
N TYR A 232 -3.99 0.78 8.32
CA TYR A 232 -5.27 0.99 7.62
C TYR A 232 -5.17 1.77 6.33
N TRP A 233 -5.86 1.30 5.29
CA TRP A 233 -5.83 1.99 4.00
C TRP A 233 -7.20 2.54 3.70
N GLY A 234 -7.25 3.61 2.92
CA GLY A 234 -8.53 4.19 2.54
C GLY A 234 -9.06 3.29 1.45
N GLN A 235 -10.27 3.56 0.94
CA GLN A 235 -10.90 2.74 -0.07
C GLN A 235 -10.38 2.98 -1.49
N GLY A 236 -9.60 4.04 -1.67
CA GLY A 236 -9.04 4.35 -2.98
C GLY A 236 -9.94 5.30 -3.77
N THR A 237 -9.32 6.12 -4.62
CA THR A 237 -10.08 7.04 -5.45
C THR A 237 -9.47 6.97 -6.84
N LEU A 238 -10.34 6.78 -7.82
CA LEU A 238 -9.88 6.61 -9.19
C LEU A 238 -9.69 7.87 -10.00
N VAL A 239 -8.48 8.10 -10.48
CA VAL A 239 -8.20 9.26 -11.33
C VAL A 239 -8.09 8.75 -12.77
N THR A 240 -8.83 9.39 -13.66
CA THR A 240 -8.82 9.02 -15.08
C THR A 240 -8.48 10.26 -15.90
N VAL A 241 -7.37 10.18 -16.61
CA VAL A 241 -6.89 11.30 -17.42
C VAL A 241 -7.29 10.95 -18.85
N SER A 242 -8.23 11.65 -19.49
CA SER A 242 -8.52 11.17 -20.83
C SER A 242 -9.01 12.14 -21.87
N ALA A 243 -8.85 11.82 -23.06
C1 GOL B . -3.93 7.48 19.21
O1 GOL B . -2.74 8.35 18.43
C2 GOL B . -5.30 7.64 18.99
O2 GOL B . -5.53 7.52 17.70
C3 GOL B . -6.03 7.80 20.03
O3 GOL B . -6.55 7.99 21.54
C1 GOL C . 11.24 19.19 -2.66
O1 GOL C . 11.92 19.42 -4.13
C2 GOL C . 10.07 18.47 -2.38
O2 GOL C . 9.95 17.44 -3.27
C3 GOL C . 9.40 18.95 -1.43
O3 GOL C . 8.86 19.84 -0.22
S SO4 D . 7.53 -24.06 3.28
O1 SO4 D . 8.32 -23.31 2.09
O2 SO4 D . 6.89 -23.00 4.02
O3 SO4 D . 6.69 -24.93 2.79
O4 SO4 D . 8.60 -24.62 4.06
#